data_1ZGV
#
_entry.id   1ZGV
#
_cell.length_a   71.34
_cell.length_b   72.33
_cell.length_c   73.02
_cell.angle_alpha   90.0
_cell.angle_beta   101.07
_cell.angle_gamma   90.0
#
_symmetry.space_group_name_H-M   'C 1 2 1'
#
loop_
_entity.id
_entity.type
_entity.pdbx_description
1 polymer Thrombin
2 polymer Hirudin
3 non-polymer N7-BUTYL-N2-(5-CHLORO-2-METHYLPHENYL)-5-METHYL[1,2,4]TRIAZOLO[1,5-A]PYRIMIDINE-2,7-DIAMINE
4 water water
#
loop_
_entity_poly.entity_id
_entity_poly.type
_entity_poly.pdbx_seq_one_letter_code
_entity_poly.pdbx_strand_id
1 'polypeptide(L)'
;DCGLRPLFEKKSLEDKTERELLESYIDGRIVEGSDAEIGMSPWQVMLFRKSPQELLCGASLISDRWVLTAAHCLLYPPWD
KNFTENDLLVRIGKHSRTRYERNIEKISMLEKIYIHPRYNWRENLDRDIALMKLKKPVAFSDYIHPVCLPDRETAASLLQ
AGYKGRVTGWGNLKETWTANVGKGQPSVLQVVNLPIVERPVCKDSTRIRITDNMFCAGYKPDEGKRGDACEGDSGGPFVM
KSPFNNRWYQMGIVSWGEGCDRDGKYGFYTHVFRLKKWIQKVIDQFG
;
A
2 'polypeptide(L)' DFEEIPEE(TYS)L B
#
# COMPACT_ATOMS: atom_id res chain seq x y z
N ASP A 1 14.01 -13.66 0.27
CA ASP A 1 14.21 -13.12 -1.11
C ASP A 1 13.34 -11.87 -1.37
N CYS A 2 12.68 -11.39 -0.32
CA CYS A 2 11.80 -10.23 -0.43
C CYS A 2 12.49 -8.96 -0.93
N GLY A 3 11.68 -8.09 -1.54
CA GLY A 3 12.17 -6.80 -2.00
C GLY A 3 13.11 -6.71 -3.18
N LEU A 4 13.43 -7.83 -3.82
CA LEU A 4 14.30 -7.80 -4.99
C LEU A 4 13.39 -8.15 -6.16
N ARG A 5 13.19 -7.16 -7.04
CA ARG A 5 12.30 -7.32 -8.19
C ARG A 5 12.94 -8.03 -9.38
N PRO A 6 12.27 -9.08 -9.87
CA PRO A 6 12.76 -9.88 -11.01
C PRO A 6 13.19 -9.02 -12.22
N LEU A 7 12.39 -8.02 -12.59
CA LEU A 7 12.69 -7.19 -13.73
C LEU A 7 13.58 -5.98 -13.49
N PHE A 8 14.02 -5.79 -12.24
CA PHE A 8 14.89 -4.66 -11.93
C PHE A 8 16.16 -5.05 -11.17
N GLU A 9 16.08 -5.10 -9.83
CA GLU A 9 17.26 -5.45 -9.05
C GLU A 9 17.99 -6.71 -9.50
N LYS A 10 17.24 -7.75 -9.84
CA LYS A 10 17.86 -9.01 -10.25
C LYS A 10 18.54 -8.96 -11.63
N LYS A 11 18.27 -7.91 -12.39
CA LYS A 11 18.89 -7.74 -13.70
C LYS A 11 19.78 -6.51 -13.68
N SER A 12 19.86 -5.90 -12.49
CA SER A 12 20.67 -4.71 -12.29
C SER A 12 20.16 -3.54 -13.14
N LEU A 13 18.84 -3.45 -13.30
CA LEU A 13 18.22 -2.36 -14.05
C LEU A 13 17.47 -1.50 -13.04
N GLU A 14 17.51 -0.20 -13.22
CA GLU A 14 16.82 0.73 -12.30
C GLU A 14 15.54 1.20 -12.96
N ASP A 15 14.50 1.45 -12.16
CA ASP A 15 13.26 1.97 -12.74
C ASP A 15 13.54 3.47 -12.90
N LYS A 16 12.70 4.17 -13.66
CA LYS A 16 12.98 5.59 -13.90
C LYS A 16 12.94 6.62 -12.79
N THR A 17 12.48 6.30 -11.59
CA THR A 17 12.50 7.33 -10.56
C THR A 17 13.09 6.92 -9.22
N GLU A 18 13.60 5.69 -9.11
CA GLU A 18 14.15 5.26 -7.84
C GLU A 18 15.35 6.06 -7.39
N ARG A 19 16.06 6.66 -8.35
CA ARG A 19 17.23 7.47 -8.04
C ARG A 19 16.80 8.66 -7.17
N GLU A 20 15.59 9.16 -7.41
CA GLU A 20 15.04 10.29 -6.62
C GLU A 20 14.92 9.89 -5.16
N LEU A 21 14.57 8.63 -4.91
CA LEU A 21 14.43 8.14 -3.54
C LEU A 21 15.80 8.06 -2.88
N LEU A 22 16.74 7.39 -3.55
CA LEU A 22 18.08 7.24 -3.02
C LEU A 22 18.76 8.60 -2.81
N GLU A 23 18.49 9.55 -3.69
CA GLU A 23 19.11 10.86 -3.55
C GLU A 23 18.58 11.65 -2.36
N SER A 24 17.41 11.29 -1.86
CA SER A 24 16.85 12.01 -0.72
C SER A 24 17.39 11.48 0.61
N TYR A 25 18.06 10.33 0.59
CA TYR A 25 18.58 9.76 1.84
C TYR A 25 19.94 10.37 2.18
N ILE A 26 19.97 11.68 2.30
CA ILE A 26 21.20 12.41 2.60
C ILE A 26 21.79 12.10 3.98
N ILE A 30 -4.15 7.89 -7.14
CA ILE A 30 -2.94 8.75 -7.04
C ILE A 30 -3.12 10.04 -7.84
N VAL A 31 -2.84 11.17 -7.19
CA VAL A 31 -2.95 12.48 -7.83
C VAL A 31 -1.56 13.01 -8.18
N GLU A 32 -1.38 13.44 -9.42
CA GLU A 32 -0.10 13.96 -9.90
C GLU A 32 0.98 12.89 -9.92
N GLY A 33 0.57 11.66 -10.23
CA GLY A 33 1.51 10.56 -10.31
C GLY A 33 1.74 10.24 -11.77
N SER A 34 2.46 9.15 -12.05
CA SER A 34 2.73 8.78 -13.43
C SER A 34 2.41 7.30 -13.59
N ASP A 35 2.32 6.83 -14.84
CA ASP A 35 2.05 5.43 -15.09
C ASP A 35 3.22 4.57 -14.62
N ALA A 36 2.92 3.46 -13.97
CA ALA A 36 3.97 2.58 -13.48
C ALA A 36 4.54 1.76 -14.64
N GLU A 37 5.79 1.32 -14.48
CA GLU A 37 6.42 0.49 -15.47
C GLU A 37 6.04 -0.96 -15.12
N ILE A 38 6.02 -1.83 -16.11
CA ILE A 38 5.69 -3.23 -15.88
C ILE A 38 6.67 -3.81 -14.85
N GLY A 39 6.14 -4.55 -13.88
CA GLY A 39 6.97 -5.18 -12.86
C GLY A 39 7.64 -4.28 -11.85
N MET A 40 7.29 -2.99 -11.85
CA MET A 40 7.87 -2.01 -10.95
C MET A 40 7.44 -2.20 -9.49
N SER A 41 6.26 -2.77 -9.27
CA SER A 41 5.76 -3.02 -7.92
C SER A 41 5.08 -4.40 -7.91
N PRO A 42 5.88 -5.45 -8.01
CA PRO A 42 5.36 -6.82 -8.02
C PRO A 42 4.64 -7.27 -6.75
N TRP A 43 4.66 -6.44 -5.72
CA TRP A 43 3.97 -6.75 -4.45
C TRP A 43 2.59 -6.07 -4.36
N GLN A 44 2.27 -5.23 -5.34
CA GLN A 44 1.00 -4.51 -5.34
C GLN A 44 -0.16 -5.50 -5.52
N VAL A 45 -1.16 -5.36 -4.67
CA VAL A 45 -2.33 -6.24 -4.70
C VAL A 45 -3.59 -5.41 -4.84
N MET A 46 -4.59 -5.93 -5.54
CA MET A 46 -5.85 -5.23 -5.68
C MET A 46 -6.92 -6.00 -4.93
N LEU A 47 -7.64 -5.31 -4.06
CA LEU A 47 -8.74 -5.95 -3.33
C LEU A 47 -9.94 -5.75 -4.23
N PHE A 48 -10.54 -6.85 -4.67
CA PHE A 48 -11.66 -6.80 -5.60
C PHE A 48 -12.94 -7.39 -5.00
N ARG A 49 -14.03 -6.62 -5.10
CA ARG A 49 -15.32 -7.06 -4.59
C ARG A 49 -16.03 -7.89 -5.66
N LYS A 50 -16.63 -9.00 -5.26
CA LYS A 50 -17.33 -9.88 -6.19
C LYS A 50 -18.59 -9.29 -6.79
N SER A 51 -19.51 -8.83 -5.94
CA SER A 51 -20.78 -8.28 -6.42
C SER A 51 -21.24 -7.03 -5.67
N PRO A 52 -21.28 -5.89 -6.38
CA PRO A 52 -20.89 -5.82 -7.80
C PRO A 52 -19.38 -5.87 -7.97
N GLN A 53 -18.92 -6.24 -9.16
CA GLN A 53 -17.49 -6.33 -9.44
C GLN A 53 -16.93 -4.91 -9.32
N GLU A 54 -16.01 -4.69 -8.39
CA GLU A 54 -15.44 -3.36 -8.20
C GLU A 54 -14.16 -3.32 -7.36
N LEU A 55 -13.37 -2.27 -7.58
CA LEU A 55 -12.12 -2.06 -6.86
C LEU A 55 -12.41 -1.54 -5.46
N LEU A 56 -11.95 -2.27 -4.44
CA LEU A 56 -12.18 -1.86 -3.06
C LEU A 56 -11.01 -1.06 -2.50
N CYS A 57 -9.81 -1.63 -2.58
CA CYS A 57 -8.62 -1.01 -2.04
C CYS A 57 -7.35 -1.58 -2.62
N GLY A 58 -6.23 -1.04 -2.12
CA GLY A 58 -4.92 -1.52 -2.50
C GLY A 58 -4.50 -2.43 -1.37
N ALA A 59 -3.39 -3.14 -1.56
CA ALA A 59 -2.89 -4.05 -0.54
C ALA A 59 -1.51 -4.46 -1.00
N SER A 60 -0.80 -5.27 -0.20
CA SER A 60 0.53 -5.69 -0.58
C SER A 60 0.81 -7.13 -0.21
N LEU A 61 1.64 -7.79 -1.01
CA LEU A 61 2.00 -9.19 -0.80
C LEU A 61 3.30 -9.23 0.01
N ILE A 62 3.24 -9.85 1.19
CA ILE A 62 4.42 -9.94 2.06
C ILE A 62 4.99 -11.36 2.18
N SER A 63 4.37 -12.31 1.50
CA SER A 63 4.83 -13.70 1.47
C SER A 63 3.91 -14.41 0.49
N ASP A 64 4.15 -15.69 0.22
CA ASP A 64 3.31 -16.42 -0.72
C ASP A 64 1.92 -16.72 -0.19
N ARG A 65 1.72 -16.51 1.11
CA ARG A 65 0.44 -16.81 1.75
C ARG A 65 -0.28 -15.59 2.37
N TRP A 66 0.44 -14.51 2.66
CA TRP A 66 -0.17 -13.35 3.30
C TRP A 66 -0.19 -12.02 2.55
N VAL A 67 -1.28 -11.28 2.75
CA VAL A 67 -1.49 -9.98 2.15
C VAL A 67 -1.77 -8.96 3.26
N LEU A 68 -1.15 -7.79 3.15
CA LEU A 68 -1.30 -6.73 4.14
C LEU A 68 -2.12 -5.60 3.54
N THR A 69 -3.02 -5.04 4.35
CA THR A 69 -3.88 -3.94 3.90
C THR A 69 -4.40 -3.13 5.10
N ALA A 70 -5.23 -2.15 4.81
CA ALA A 70 -5.79 -1.29 5.84
C ALA A 70 -7.07 -1.89 6.40
N ALA A 71 -7.20 -1.87 7.72
CA ALA A 71 -8.39 -2.39 8.39
C ALA A 71 -9.66 -1.71 7.90
N HIS A 72 -9.60 -0.40 7.68
CA HIS A 72 -10.80 0.31 7.26
C HIS A 72 -11.32 -0.05 5.87
N CYS A 73 -10.56 -0.87 5.14
CA CYS A 73 -10.99 -1.32 3.82
C CYS A 73 -12.01 -2.44 4.00
N LEU A 74 -11.91 -3.15 5.12
CA LEU A 74 -12.81 -4.25 5.41
C LEU A 74 -13.91 -3.89 6.41
N LEU A 75 -13.52 -3.18 7.47
CA LEU A 75 -14.46 -2.80 8.52
C LEU A 75 -14.52 -1.31 8.82
N TYR A 76 -15.68 -0.72 8.58
CA TYR A 76 -15.88 0.69 8.86
C TYR A 76 -17.37 0.97 9.10
N PRO A 77 -17.84 0.72 10.32
CA PRO A 77 -19.24 0.92 10.72
C PRO A 77 -19.92 2.21 10.26
N PRO A 78 -19.21 3.35 10.29
CA PRO A 78 -19.87 4.58 9.84
C PRO A 78 -20.50 4.52 8.43
N TRP A 79 -19.89 3.74 7.53
CA TRP A 79 -20.43 3.60 6.16
C TRP A 79 -21.01 2.19 5.98
N ASP A 80 -21.34 1.53 7.08
CA ASP A 80 -21.88 0.18 7.06
C ASP A 80 -21.05 -0.80 6.24
N LYS A 81 -19.73 -0.66 6.32
CA LYS A 81 -18.83 -1.53 5.59
C LYS A 81 -18.33 -2.63 6.55
N ASN A 82 -18.58 -3.88 6.19
CA ASN A 82 -18.13 -5.02 6.98
C ASN A 82 -18.04 -6.23 6.08
N PHE A 83 -16.88 -6.40 5.44
CA PHE A 83 -16.67 -7.52 4.54
C PHE A 83 -16.10 -8.74 5.24
N THR A 84 -16.37 -9.91 4.66
CA THR A 84 -15.85 -11.17 5.18
C THR A 84 -15.08 -11.88 4.08
N GLU A 85 -14.50 -13.02 4.42
CA GLU A 85 -13.73 -13.80 3.46
C GLU A 85 -14.34 -13.96 2.07
N ASN A 86 -15.58 -14.42 2.00
CA ASN A 86 -16.23 -14.65 0.71
C ASN A 86 -16.78 -13.46 -0.06
N ASP A 87 -16.64 -12.25 0.49
CA ASP A 87 -17.12 -11.07 -0.22
C ASP A 87 -16.02 -10.54 -1.13
N LEU A 88 -14.78 -10.98 -0.88
CA LEU A 88 -13.63 -10.48 -1.62
C LEU A 88 -12.76 -11.46 -2.38
N LEU A 89 -11.99 -10.90 -3.30
CA LEU A 89 -11.01 -11.62 -4.12
C LEU A 89 -9.75 -10.77 -4.12
N VAL A 90 -8.59 -11.43 -4.05
CA VAL A 90 -7.30 -10.74 -4.08
C VAL A 90 -6.65 -10.97 -5.45
N ARG A 91 -6.36 -9.88 -6.15
CA ARG A 91 -5.75 -9.96 -7.48
C ARG A 91 -4.31 -9.45 -7.50
N ILE A 92 -3.40 -10.39 -7.71
CA ILE A 92 -1.97 -10.17 -7.70
C ILE A 92 -1.30 -10.18 -9.07
N GLY A 93 -0.32 -9.30 -9.25
CA GLY A 93 0.43 -9.22 -10.48
C GLY A 93 -0.16 -8.34 -11.56
N LYS A 94 -1.09 -7.48 -11.19
CA LYS A 94 -1.76 -6.60 -12.16
C LYS A 94 -1.04 -5.30 -12.53
N HIS A 95 -1.52 -4.70 -13.60
CA HIS A 95 -0.99 -3.43 -14.13
C HIS A 95 -2.20 -2.59 -14.57
N SER A 96 -3.10 -3.24 -15.32
CA SER A 96 -4.31 -2.60 -15.80
C SER A 96 -5.37 -2.67 -14.69
N ARG A 97 -6.06 -1.56 -14.45
CA ARG A 97 -7.08 -1.53 -13.41
C ARG A 97 -8.31 -2.37 -13.69
N THR A 98 -8.82 -2.28 -14.92
CA THR A 98 -10.05 -2.98 -15.29
C THR A 98 -9.99 -4.28 -16.09
N ARG A 99 -8.85 -4.60 -16.70
CA ARG A 99 -8.78 -5.82 -17.51
C ARG A 99 -8.32 -7.08 -16.79
N TYR A 100 -8.85 -8.22 -17.22
CA TYR A 100 -8.44 -9.50 -16.65
C TYR A 100 -7.18 -9.85 -17.45
N GLU A 101 -6.02 -9.47 -16.92
CA GLU A 101 -4.76 -9.72 -17.60
C GLU A 101 -4.41 -11.21 -17.59
N ARG A 102 -5.02 -11.91 -18.54
CA ARG A 102 -4.87 -13.35 -18.73
C ARG A 102 -3.41 -13.77 -18.82
N ASN A 103 -3.07 -14.84 -18.09
CA ASN A 103 -1.73 -15.39 -18.06
C ASN A 103 -0.72 -14.56 -17.26
N ILE A 104 -1.13 -13.39 -16.79
CA ILE A 104 -0.24 -12.56 -16.02
C ILE A 104 -0.63 -12.46 -14.55
N GLU A 105 -1.86 -12.01 -14.30
CA GLU A 105 -2.35 -11.87 -12.92
C GLU A 105 -2.87 -13.17 -12.33
N LYS A 106 -2.90 -13.23 -11.00
CA LYS A 106 -3.43 -14.38 -10.29
C LYS A 106 -4.51 -13.88 -9.34
N ILE A 107 -5.64 -14.57 -9.32
CA ILE A 107 -6.76 -14.20 -8.47
C ILE A 107 -6.82 -15.25 -7.37
N SER A 108 -6.87 -14.80 -6.13
CA SER A 108 -6.92 -15.72 -5.00
C SER A 108 -8.13 -15.48 -4.11
N MET A 109 -8.52 -16.54 -3.41
CA MET A 109 -9.64 -16.48 -2.49
C MET A 109 -9.05 -16.34 -1.10
N LEU A 110 -9.85 -15.81 -0.18
CA LEU A 110 -9.39 -15.59 1.18
C LEU A 110 -9.81 -16.71 2.13
N GLU A 111 -8.91 -17.08 3.01
CA GLU A 111 -9.20 -18.11 3.99
C GLU A 111 -9.60 -17.48 5.32
N LYS A 112 -8.89 -16.44 5.75
CA LYS A 112 -9.23 -15.77 7.00
C LYS A 112 -8.71 -14.32 7.01
N ILE A 113 -9.52 -13.43 7.57
CA ILE A 113 -9.15 -12.02 7.68
C ILE A 113 -8.87 -11.70 9.14
N TYR A 114 -7.77 -10.99 9.39
CA TYR A 114 -7.40 -10.60 10.75
C TYR A 114 -7.28 -9.09 10.86
N ILE A 115 -8.12 -8.51 11.71
CA ILE A 115 -8.11 -7.07 11.91
C ILE A 115 -7.50 -6.85 13.28
N HIS A 116 -6.65 -5.83 13.41
CA HIS A 116 -6.02 -5.55 14.68
C HIS A 116 -7.11 -5.34 15.72
N PRO A 117 -7.01 -6.05 16.86
CA PRO A 117 -7.98 -5.96 17.96
C PRO A 117 -8.23 -4.56 18.48
N ARG A 118 -7.25 -3.67 18.35
CA ARG A 118 -7.45 -2.30 18.83
C ARG A 118 -7.51 -1.25 17.71
N TYR A 119 -8.00 -1.68 16.56
CA TYR A 119 -8.19 -0.77 15.43
C TYR A 119 -9.24 0.24 15.92
N ASN A 120 -8.94 1.53 15.82
CA ASN A 120 -9.87 2.57 16.28
C ASN A 120 -10.64 3.26 15.15
N TRP A 121 -11.71 2.64 14.70
CA TRP A 121 -12.53 3.22 13.64
C TRP A 121 -13.44 4.36 14.13
N ARG A 122 -13.63 4.43 15.45
CA ARG A 122 -14.49 5.43 16.05
C ARG A 122 -13.94 6.84 16.03
N GLU A 123 -12.63 6.98 16.13
CA GLU A 123 -12.02 8.30 16.19
C GLU A 123 -11.04 8.75 15.10
N ASN A 124 -9.86 8.10 15.03
CA ASN A 124 -8.85 8.51 14.07
C ASN A 124 -8.19 7.42 13.23
N LEU A 125 -8.83 6.25 13.13
CA LEU A 125 -8.27 5.14 12.37
C LEU A 125 -6.91 4.68 12.91
N ASP A 126 -6.75 4.72 14.21
CA ASP A 126 -5.50 4.29 14.83
C ASP A 126 -5.38 2.78 14.66
N ARG A 127 -4.18 2.31 14.33
CA ARG A 127 -3.92 0.89 14.11
C ARG A 127 -4.74 0.38 12.93
N ASP A 128 -4.76 1.18 11.86
CA ASP A 128 -5.48 0.83 10.64
C ASP A 128 -4.68 -0.21 9.85
N ILE A 129 -4.79 -1.48 10.28
CA ILE A 129 -4.04 -2.55 9.67
C ILE A 129 -4.79 -3.89 9.76
N ALA A 130 -4.63 -4.72 8.73
CA ALA A 130 -5.27 -6.04 8.69
C ALA A 130 -4.46 -7.00 7.83
N LEU A 131 -4.45 -8.27 8.21
CA LEU A 131 -3.74 -9.30 7.48
C LEU A 131 -4.76 -10.22 6.84
N MET A 132 -4.41 -10.78 5.68
CA MET A 132 -5.29 -11.69 4.98
C MET A 132 -4.52 -12.93 4.56
N LYS A 133 -5.03 -14.08 4.97
CA LYS A 133 -4.44 -15.38 4.68
C LYS A 133 -5.13 -15.93 3.42
N LEU A 134 -4.34 -16.19 2.39
CA LEU A 134 -4.90 -16.71 1.14
C LEU A 134 -5.20 -18.20 1.29
N LYS A 135 -6.16 -18.71 0.52
CA LYS A 135 -6.50 -20.13 0.59
C LYS A 135 -5.33 -21.02 0.20
N LYS A 136 -4.60 -20.63 -0.84
CA LYS A 136 -3.43 -21.38 -1.29
C LYS A 136 -2.33 -20.45 -1.77
N PRO A 137 -1.07 -20.81 -1.52
CA PRO A 137 0.11 -20.04 -1.90
C PRO A 137 0.08 -19.54 -3.35
N VAL A 138 0.61 -18.34 -3.56
CA VAL A 138 0.67 -17.76 -4.89
C VAL A 138 2.07 -18.07 -5.39
N ALA A 139 2.18 -18.46 -6.66
CA ALA A 139 3.50 -18.73 -7.20
C ALA A 139 4.07 -17.39 -7.65
N PHE A 140 5.32 -17.14 -7.31
CA PHE A 140 5.96 -15.90 -7.69
C PHE A 140 6.34 -15.93 -9.17
N SER A 141 6.61 -14.75 -9.74
CA SER A 141 6.98 -14.63 -11.15
C SER A 141 7.59 -13.25 -11.38
N ASP A 142 7.74 -12.87 -12.65
CA ASP A 142 8.31 -11.57 -12.99
C ASP A 142 7.41 -10.42 -12.53
N TYR A 143 6.13 -10.71 -12.34
CA TYR A 143 5.16 -9.67 -11.96
C TYR A 143 4.60 -9.81 -10.55
N ILE A 144 4.97 -10.90 -9.88
CA ILE A 144 4.49 -11.18 -8.54
C ILE A 144 5.69 -11.50 -7.65
N HIS A 145 5.90 -10.68 -6.62
CA HIS A 145 7.02 -10.88 -5.72
C HIS A 145 6.76 -10.07 -4.45
N PRO A 146 6.97 -10.69 -3.28
CA PRO A 146 6.74 -10.00 -2.02
C PRO A 146 7.73 -8.89 -1.64
N VAL A 147 7.25 -7.94 -0.85
CA VAL A 147 8.04 -6.82 -0.38
C VAL A 147 8.52 -7.19 1.03
N CYS A 148 9.59 -6.56 1.49
CA CYS A 148 10.10 -6.85 2.82
C CYS A 148 9.45 -6.01 3.91
N LEU A 149 9.39 -6.55 5.12
CA LEU A 149 8.86 -5.82 6.27
C LEU A 149 10.11 -5.31 6.97
N PRO A 150 10.07 -4.08 7.47
CA PRO A 150 11.24 -3.53 8.15
C PRO A 150 11.60 -4.11 9.50
N ASP A 151 12.89 -4.10 9.77
CA ASP A 151 13.42 -4.56 11.04
C ASP A 151 13.65 -3.25 11.78
N ARG A 152 13.84 -3.30 13.10
CA ARG A 152 14.05 -2.10 13.88
C ARG A 152 15.10 -1.14 13.30
N GLU A 153 16.24 -1.69 12.90
CA GLU A 153 17.35 -0.89 12.37
C GLU A 153 17.01 -0.17 11.07
N THR A 154 16.48 -0.91 10.11
CA THR A 154 16.12 -0.31 8.83
C THR A 154 15.11 0.82 9.05
N ALA A 155 14.12 0.58 9.90
CA ALA A 155 13.11 1.58 10.19
C ALA A 155 13.72 2.84 10.79
N ALA A 156 14.66 2.66 11.71
CA ALA A 156 15.31 3.80 12.36
C ALA A 156 16.06 4.69 11.40
N SER A 157 16.84 4.11 10.50
CA SER A 157 17.62 4.91 9.57
C SER A 157 16.90 5.46 8.34
N LEU A 158 15.75 4.89 7.97
CA LEU A 158 15.04 5.36 6.79
C LEU A 158 13.80 6.20 7.05
N LEU A 159 13.14 5.97 8.18
CA LEU A 159 11.94 6.73 8.46
C LEU A 159 12.30 8.10 9.07
N GLN A 160 12.75 9.00 8.20
CA GLN A 160 13.16 10.34 8.61
C GLN A 160 12.58 11.46 7.73
N ALA A 161 12.25 12.57 8.37
CA ALA A 161 11.70 13.73 7.66
C ALA A 161 12.61 14.07 6.49
N GLY A 162 12.02 14.32 5.32
CA GLY A 162 12.82 14.65 4.17
C GLY A 162 13.07 13.46 3.25
N TYR A 163 13.15 12.27 3.84
CA TYR A 163 13.38 11.05 3.07
C TYR A 163 12.12 10.71 2.29
N LYS A 164 12.30 10.31 1.04
CA LYS A 164 11.18 9.98 0.17
C LYS A 164 10.82 8.50 0.08
N GLY A 165 9.51 8.24 0.01
CA GLY A 165 9.01 6.90 -0.12
C GLY A 165 8.17 6.88 -1.38
N ARG A 166 7.59 5.73 -1.72
CA ARG A 166 6.81 5.59 -2.94
C ARG A 166 5.45 4.97 -2.66
N VAL A 167 4.40 5.57 -3.23
CA VAL A 167 3.05 5.07 -3.05
C VAL A 167 2.49 4.68 -4.41
N THR A 168 1.79 3.55 -4.46
CA THR A 168 1.21 3.06 -5.71
C THR A 168 -0.26 2.73 -5.52
N GLY A 169 -1.04 2.85 -6.58
CA GLY A 169 -2.46 2.51 -6.49
C GLY A 169 -3.25 2.82 -7.74
N TRP A 170 -4.46 2.27 -7.82
CA TRP A 170 -5.36 2.46 -8.94
C TRP A 170 -6.49 3.43 -8.57
N GLY A 171 -6.35 4.10 -7.43
CA GLY A 171 -7.36 5.03 -6.98
C GLY A 171 -7.59 6.25 -7.84
N ASN A 172 -8.48 7.13 -7.39
CA ASN A 172 -8.83 8.34 -8.12
C ASN A 172 -7.62 9.21 -8.45
N LEU A 173 -7.66 9.81 -9.64
CA LEU A 173 -6.60 10.69 -10.12
C LEU A 173 -6.82 12.12 -9.63
N LYS A 174 -8.02 12.39 -9.14
CA LYS A 174 -8.36 13.71 -8.64
C LYS A 174 -9.36 13.61 -7.51
N GLU A 175 -9.38 14.62 -6.64
CA GLU A 175 -10.32 14.61 -5.52
C GLU A 175 -11.75 14.73 -6.06
N GLY A 184 -12.08 10.87 -12.92
CA GLY A 184 -11.68 9.65 -13.65
C GLY A 184 -10.61 8.83 -12.96
N GLN A 185 -10.69 7.52 -13.07
CA GLN A 185 -9.72 6.62 -12.48
C GLN A 185 -8.64 6.40 -13.53
N PRO A 186 -7.47 5.89 -13.13
CA PRO A 186 -6.44 5.69 -14.15
C PRO A 186 -6.68 4.44 -14.97
N SER A 187 -5.95 4.32 -16.06
CA SER A 187 -6.06 3.14 -16.91
C SER A 187 -5.14 2.06 -16.34
N VAL A 188 -3.95 2.48 -15.89
CA VAL A 188 -2.99 1.55 -15.33
C VAL A 188 -2.50 2.03 -13.95
N LEU A 189 -1.82 1.14 -13.23
CA LEU A 189 -1.28 1.44 -11.92
C LEU A 189 -0.52 2.77 -11.96
N GLN A 190 -0.77 3.61 -10.97
CA GLN A 190 -0.11 4.91 -10.88
C GLN A 190 0.97 4.86 -9.78
N VAL A 191 1.95 5.76 -9.86
CA VAL A 191 3.03 5.79 -8.88
C VAL A 191 3.43 7.23 -8.60
N VAL A 192 3.80 7.53 -7.37
CA VAL A 192 4.23 8.86 -6.98
C VAL A 192 5.19 8.71 -5.80
N ASN A 193 6.24 9.54 -5.79
CA ASN A 193 7.22 9.53 -4.71
C ASN A 193 6.97 10.73 -3.82
N LEU A 194 6.82 10.48 -2.52
CA LEU A 194 6.55 11.56 -1.57
C LEU A 194 7.49 11.61 -0.40
N PRO A 195 7.80 12.83 0.08
CA PRO A 195 8.70 12.98 1.23
C PRO A 195 7.95 12.80 2.56
N ILE A 196 8.64 12.23 3.55
CA ILE A 196 8.07 12.04 4.87
C ILE A 196 8.11 13.41 5.54
N VAL A 197 7.05 13.77 6.24
CA VAL A 197 6.94 15.08 6.89
C VAL A 197 7.12 15.00 8.41
N GLU A 198 7.76 16.01 9.00
CA GLU A 198 8.00 16.07 10.44
C GLU A 198 6.69 16.00 11.24
N ARG A 199 6.68 15.22 12.31
CA ARG A 199 5.50 15.07 13.15
C ARG A 199 4.77 16.36 13.49
N PRO A 200 5.50 17.40 13.93
CA PRO A 200 4.89 18.69 14.27
C PRO A 200 4.04 19.25 13.13
N VAL A 201 4.60 19.28 11.93
CA VAL A 201 3.88 19.79 10.76
C VAL A 201 2.64 18.93 10.49
N CYS A 202 2.75 17.62 10.66
CA CYS A 202 1.62 16.72 10.44
C CYS A 202 0.48 17.08 11.41
N LYS A 203 0.83 17.20 12.69
CA LYS A 203 -0.07 17.54 13.78
C LYS A 203 -0.77 18.89 13.56
N ASP A 204 0.01 19.88 13.15
CA ASP A 204 -0.53 21.22 12.92
C ASP A 204 -1.36 21.40 11.67
N SER A 205 -1.48 20.35 10.86
CA SER A 205 -2.24 20.44 9.63
C SER A 205 -3.65 19.87 9.76
N THR A 206 -3.99 19.34 10.93
CA THR A 206 -5.30 18.73 11.10
C THR A 206 -5.86 18.87 12.51
N ARG A 207 -7.17 18.64 12.65
CA ARG A 207 -7.86 18.68 13.94
C ARG A 207 -7.84 17.30 14.56
N ILE A 208 -7.67 16.28 13.72
CA ILE A 208 -7.64 14.89 14.16
C ILE A 208 -6.46 14.63 15.08
N ARG A 209 -6.70 13.82 16.11
CA ARG A 209 -5.64 13.47 17.04
C ARG A 209 -4.73 12.44 16.35
N ILE A 210 -3.46 12.77 16.19
CA ILE A 210 -2.50 11.88 15.53
C ILE A 210 -1.71 11.06 16.55
N THR A 211 -1.66 9.75 16.36
CA THR A 211 -0.95 8.87 17.28
C THR A 211 0.43 8.47 16.77
N ASP A 212 1.18 7.74 17.60
CA ASP A 212 2.51 7.31 17.22
C ASP A 212 2.50 6.17 16.19
N ASN A 213 1.33 5.59 15.92
CA ASN A 213 1.21 4.51 14.94
C ASN A 213 0.91 5.06 13.55
N MET A 214 1.21 6.33 13.34
CA MET A 214 0.96 6.96 12.06
C MET A 214 2.12 7.91 11.77
N PHE A 215 2.25 8.27 10.50
CA PHE A 215 3.24 9.26 10.09
C PHE A 215 2.58 9.90 8.88
N CYS A 216 2.98 11.11 8.49
CA CYS A 216 2.34 11.69 7.31
C CYS A 216 3.37 11.97 6.23
N ALA A 217 2.92 12.07 4.99
CA ALA A 217 3.82 12.32 3.87
C ALA A 217 3.16 13.26 2.84
N GLY A 218 4.00 13.99 2.13
CA GLY A 218 3.52 14.93 1.13
C GLY A 218 4.46 16.11 1.03
N TYR A 219 4.31 16.92 -0.01
CA TYR A 219 5.16 18.09 -0.16
C TYR A 219 4.50 19.30 0.51
N LYS A 220 5.31 20.26 0.96
CA LYS A 220 4.77 21.46 1.57
C LYS A 220 4.23 22.29 0.41
N PRO A 221 3.29 23.21 0.70
CA PRO A 221 2.70 24.05 -0.35
C PRO A 221 3.73 24.88 -1.13
N ASP A 222 4.86 25.17 -0.50
CA ASP A 222 5.92 25.96 -1.13
C ASP A 222 6.99 25.17 -1.89
N GLU A 223 7.04 23.85 -1.71
CA GLU A 223 8.06 23.05 -2.38
C GLU A 223 7.87 22.87 -3.88
N GLY A 224 6.75 23.37 -4.41
CA GLY A 224 6.50 23.25 -5.84
C GLY A 224 5.94 21.93 -6.30
N LYS A 225 6.63 20.84 -5.98
CA LYS A 225 6.19 19.51 -6.36
C LYS A 225 4.95 19.14 -5.55
N ARG A 226 4.12 18.25 -6.10
CA ARG A 226 2.92 17.81 -5.41
C ARG A 226 2.57 16.34 -5.70
N GLY A 227 1.49 15.86 -5.11
CA GLY A 227 1.09 14.48 -5.30
C GLY A 227 0.52 13.94 -4.01
N ASP A 228 -0.33 12.92 -4.11
CA ASP A 228 -0.96 12.36 -2.94
C ASP A 228 -1.73 11.10 -3.33
N ALA A 229 -2.15 10.34 -2.33
CA ALA A 229 -2.97 9.16 -2.55
C ALA A 229 -4.40 9.72 -2.55
N CYS A 230 -5.37 8.90 -2.90
CA CYS A 230 -6.75 9.35 -2.93
C CYS A 230 -7.64 8.13 -2.76
N GLU A 231 -8.95 8.33 -2.75
CA GLU A 231 -9.89 7.23 -2.60
C GLU A 231 -9.55 6.10 -3.58
N GLY A 232 -9.55 4.87 -3.09
CA GLY A 232 -9.22 3.74 -3.95
C GLY A 232 -7.80 3.25 -3.70
N ASP A 233 -6.95 4.15 -3.22
CA ASP A 233 -5.55 3.84 -2.92
C ASP A 233 -5.36 3.27 -1.50
N SER A 234 -6.31 3.52 -0.61
CA SER A 234 -6.23 3.03 0.78
C SER A 234 -5.85 1.57 0.83
N GLY A 235 -5.06 1.22 1.83
CA GLY A 235 -4.63 -0.16 1.98
C GLY A 235 -3.35 -0.46 1.21
N GLY A 236 -2.97 0.45 0.31
CA GLY A 236 -1.77 0.25 -0.48
C GLY A 236 -0.49 0.51 0.31
N PRO A 237 0.65 0.05 -0.24
CA PRO A 237 1.97 0.21 0.37
C PRO A 237 2.70 1.51 0.12
N PHE A 238 3.40 1.98 1.14
CA PHE A 238 4.25 3.16 1.06
C PHE A 238 5.61 2.45 1.23
N VAL A 239 6.41 2.39 0.17
CA VAL A 239 7.67 1.66 0.26
C VAL A 239 8.90 2.55 0.14
N MET A 240 10.04 2.04 0.61
CA MET A 240 11.31 2.73 0.53
C MET A 240 12.37 1.70 0.14
N LYS A 241 13.38 2.15 -0.59
CA LYS A 241 14.46 1.26 -1.00
C LYS A 241 15.64 1.49 -0.07
N SER A 242 16.09 0.42 0.59
CA SER A 242 17.23 0.52 1.48
C SER A 242 18.52 0.70 0.69
N PRO A 243 19.33 1.69 1.08
CA PRO A 243 20.59 1.90 0.35
C PRO A 243 21.68 0.93 0.85
N PHE A 244 21.36 0.18 1.90
CA PHE A 244 22.29 -0.77 2.50
C PHE A 244 22.32 -2.13 1.79
N ASN A 245 21.15 -2.71 1.54
CA ASN A 245 21.07 -4.00 0.87
C ASN A 245 20.24 -3.99 -0.42
N ASN A 246 19.91 -2.79 -0.90
CA ASN A 246 19.13 -2.61 -2.13
C ASN A 246 17.74 -3.25 -2.21
N ARG A 247 17.15 -3.58 -1.06
CA ARG A 247 15.83 -4.20 -1.06
C ARG A 247 14.72 -3.20 -0.75
N TRP A 248 13.51 -3.50 -1.20
CA TRP A 248 12.39 -2.62 -0.93
C TRP A 248 11.68 -3.03 0.34
N TYR A 249 11.38 -2.06 1.19
CA TYR A 249 10.71 -2.33 2.44
C TYR A 249 9.41 -1.55 2.51
N GLN A 250 8.36 -2.17 3.04
CA GLN A 250 7.10 -1.46 3.21
C GLN A 250 7.13 -0.77 4.58
N MET A 251 7.14 0.55 4.59
CA MET A 251 7.19 1.31 5.83
C MET A 251 5.81 1.76 6.29
N GLY A 252 4.89 1.93 5.34
CA GLY A 252 3.56 2.37 5.71
C GLY A 252 2.43 1.77 4.89
N ILE A 253 1.21 2.04 5.32
CA ILE A 253 0.00 1.60 4.64
C ILE A 253 -0.84 2.85 4.44
N VAL A 254 -1.31 3.08 3.22
CA VAL A 254 -2.14 4.24 2.93
C VAL A 254 -3.35 4.15 3.85
N SER A 255 -3.50 5.12 4.74
CA SER A 255 -4.63 5.09 5.67
C SER A 255 -5.71 6.12 5.38
N TRP A 256 -5.44 7.40 5.67
CA TRP A 256 -6.45 8.43 5.43
C TRP A 256 -5.86 9.77 5.03
N GLY A 257 -6.73 10.66 4.59
CA GLY A 257 -6.31 12.00 4.20
C GLY A 257 -7.54 12.88 4.15
N GLU A 258 -7.35 14.19 4.25
CA GLU A 258 -8.47 15.13 4.19
C GLU A 258 -8.45 15.67 2.77
N GLY A 259 -9.25 15.05 1.91
CA GLY A 259 -9.27 15.47 0.52
C GLY A 259 -8.07 14.83 -0.16
N CYS A 260 -7.75 15.27 -1.37
CA CYS A 260 -6.61 14.70 -2.09
C CYS A 260 -5.72 15.77 -2.68
N ASP A 261 -4.46 15.76 -2.29
CA ASP A 261 -3.47 16.71 -2.78
C ASP A 261 -3.86 18.17 -2.55
N ARG A 262 -4.40 18.45 -1.35
CA ARG A 262 -4.76 19.81 -1.00
C ARG A 262 -3.53 20.44 -0.36
N ASP A 263 -3.30 21.73 -0.64
CA ASP A 263 -2.15 22.42 -0.07
C ASP A 263 -2.31 22.52 1.44
N GLY A 264 -1.22 22.39 2.18
CA GLY A 264 -1.29 22.46 3.62
C GLY A 264 -1.82 21.20 4.28
N LYS A 265 -2.16 20.20 3.47
CA LYS A 265 -2.67 18.93 3.97
C LYS A 265 -1.73 17.79 3.57
N TYR A 266 -1.74 16.71 4.34
CA TYR A 266 -0.87 15.58 4.05
C TYR A 266 -1.56 14.22 4.21
N GLY A 267 -1.04 13.22 3.53
CA GLY A 267 -1.61 11.90 3.64
C GLY A 267 -1.10 11.24 4.90
N PHE A 268 -1.93 10.42 5.53
CA PHE A 268 -1.53 9.73 6.75
C PHE A 268 -1.40 8.24 6.50
N TYR A 269 -0.35 7.65 7.06
CA TYR A 269 -0.07 6.24 6.86
C TYR A 269 0.11 5.45 8.15
N THR A 270 -0.29 4.19 8.12
CA THR A 270 -0.12 3.32 9.27
C THR A 270 1.38 2.97 9.36
N HIS A 271 1.97 3.19 10.53
CA HIS A 271 3.39 2.93 10.79
C HIS A 271 3.58 1.43 10.95
N VAL A 272 3.95 0.77 9.87
CA VAL A 272 4.12 -0.69 9.88
C VAL A 272 5.05 -1.25 10.95
N PHE A 273 6.23 -0.67 11.12
CA PHE A 273 7.12 -1.21 12.12
C PHE A 273 6.55 -1.17 13.54
N ARG A 274 5.86 -0.10 13.89
CA ARG A 274 5.27 0.04 15.23
C ARG A 274 4.31 -1.09 15.55
N LEU A 275 3.73 -1.71 14.52
CA LEU A 275 2.77 -2.79 14.71
C LEU A 275 3.34 -4.14 14.28
N LYS A 276 4.65 -4.22 14.09
CA LYS A 276 5.23 -5.47 13.63
C LYS A 276 5.06 -6.62 14.62
N LYS A 277 5.04 -6.32 15.91
CA LYS A 277 4.84 -7.36 16.93
C LYS A 277 3.55 -8.11 16.65
N TRP A 278 2.47 -7.37 16.42
CA TRP A 278 1.18 -7.97 16.14
C TRP A 278 1.25 -8.80 14.84
N ILE A 279 1.91 -8.26 13.83
CA ILE A 279 2.04 -8.96 12.54
C ILE A 279 2.74 -10.32 12.73
N GLN A 280 3.85 -10.33 13.46
CA GLN A 280 4.59 -11.56 13.72
C GLN A 280 3.69 -12.54 14.47
N LYS A 281 3.06 -12.02 15.52
CA LYS A 281 2.17 -12.79 16.37
C LYS A 281 1.15 -13.54 15.51
N VAL A 282 0.38 -12.79 14.72
CA VAL A 282 -0.64 -13.40 13.87
C VAL A 282 -0.09 -14.41 12.86
N ILE A 283 1.04 -14.09 12.24
CA ILE A 283 1.61 -14.98 11.24
C ILE A 283 2.09 -16.31 11.79
N ASP A 284 2.94 -16.32 12.80
CA ASP A 284 3.40 -17.59 13.33
C ASP A 284 2.34 -18.39 14.09
N GLN A 285 1.35 -17.71 14.66
CA GLN A 285 0.29 -18.39 15.41
C GLN A 285 -0.82 -18.94 14.52
N PHE A 286 -0.84 -18.57 13.24
CA PHE A 286 -1.87 -19.05 12.33
C PHE A 286 -1.37 -19.59 10.99
N GLY A 287 -0.05 -19.62 10.80
CA GLY A 287 0.50 -20.13 9.56
C GLY A 287 1.60 -19.27 8.95
N ASP B 1 -16.72 -0.43 -14.97
CA ASP B 1 -16.29 -0.89 -16.33
C ASP B 1 -15.24 -2.00 -16.25
N PHE B 2 -15.39 -2.88 -15.27
CA PHE B 2 -14.45 -3.98 -15.08
C PHE B 2 -14.75 -5.13 -16.02
N GLU B 3 -13.70 -5.80 -16.48
CA GLU B 3 -13.83 -6.93 -17.39
C GLU B 3 -14.21 -8.19 -16.62
N GLU B 4 -15.12 -8.97 -17.18
CA GLU B 4 -15.60 -10.21 -16.57
C GLU B 4 -14.44 -11.13 -16.21
N ILE B 5 -14.33 -11.49 -14.95
CA ILE B 5 -13.28 -12.39 -14.53
C ILE B 5 -13.87 -13.79 -14.61
N PRO B 6 -13.03 -14.80 -14.86
CA PRO B 6 -13.48 -16.20 -14.97
C PRO B 6 -14.38 -16.66 -13.81
N GLU B 7 -15.47 -17.33 -14.16
CA GLU B 7 -16.42 -17.84 -13.17
C GLU B 7 -15.76 -18.81 -12.19
N GLU B 8 -14.65 -19.43 -12.61
CA GLU B 8 -13.92 -20.36 -11.76
C GLU B 8 -13.46 -19.73 -10.44
N LEU B 10 -15.20 -16.90 -9.15
CA LEU B 10 -16.44 -16.41 -8.54
C LEU B 10 -17.27 -17.54 -7.91
#